data_1WTL
#
_entry.id   1WTL
#
_cell.length_a   82.250
_cell.length_b   82.250
_cell.length_c   61.200
_cell.angle_alpha   90.00
_cell.angle_beta   90.00
_cell.angle_gamma   120.00
#
_symmetry.space_group_name_H-M   'P 64'
#
loop_
_entity.id
_entity.type
_entity.pdbx_description
1 polymer 'BENCE-JONES PROTEIN MCG (LIGHT CHAIN)'
2 water water
#
_entity_poly.entity_id   1
_entity_poly.type   'polypeptide(L)'
_entity_poly.pdbx_seq_one_letter_code
;DIQMTQSPSSLSASVGDRVTITCRASQDITNYVNWFQQRPGQAPKVLIYGASILETGVPSRFSGSGSGTDFTFTISSLQP
EDIATYYCQQYDTLPLTFGGGTKVDIKR
;
_entity_poly.pdbx_strand_id   A,B
#
# COMPACT_ATOMS: atom_id res chain seq x y z
N ASP A 1 -11.78 -12.41 4.40
CA ASP A 1 -10.56 -11.59 4.71
C ASP A 1 -9.28 -12.44 4.53
N ILE A 2 -8.58 -12.21 3.43
CA ILE A 2 -7.38 -12.99 3.17
C ILE A 2 -6.23 -12.40 3.96
N GLN A 3 -5.59 -13.29 4.71
CA GLN A 3 -4.42 -12.90 5.49
C GLN A 3 -3.26 -13.26 4.55
N MET A 4 -2.27 -12.41 4.54
CA MET A 4 -1.04 -12.51 3.76
C MET A 4 0.11 -12.48 4.77
N THR A 5 0.89 -13.53 4.73
CA THR A 5 2.01 -13.61 5.70
C THR A 5 3.30 -13.33 4.99
N GLN A 6 4.15 -12.45 5.42
CA GLN A 6 5.36 -12.21 4.59
C GLN A 6 6.64 -12.37 5.38
N SER A 7 7.68 -12.98 4.79
CA SER A 7 8.97 -13.15 5.45
C SER A 7 10.18 -12.97 4.52
N PRO A 8 11.29 -12.56 5.15
CA PRO A 8 11.41 -12.23 6.59
C PRO A 8 10.84 -10.82 6.82
N SER A 9 10.79 -10.37 8.05
CA SER A 9 10.22 -9.05 8.37
C SER A 9 11.27 -7.98 8.16
N SER A 10 12.50 -8.42 8.32
CA SER A 10 13.67 -7.53 8.10
C SER A 10 14.78 -8.46 7.55
N LEU A 11 15.68 -7.83 6.88
CA LEU A 11 16.85 -8.36 6.20
C LEU A 11 17.89 -7.23 6.28
N SER A 12 19.09 -7.65 6.07
CA SER A 12 20.24 -6.69 6.04
C SER A 12 21.12 -7.37 5.01
N ALA A 13 21.24 -6.84 3.80
CA ALA A 13 22.06 -7.55 2.82
C ALA A 13 23.14 -6.62 2.31
N SER A 14 24.16 -7.28 1.82
CA SER A 14 25.29 -6.54 1.21
C SER A 14 24.87 -6.42 -0.26
N VAL A 15 25.18 -5.25 -0.79
CA VAL A 15 24.84 -4.97 -2.21
C VAL A 15 25.51 -6.10 -3.00
N GLY A 16 24.79 -6.65 -3.95
CA GLY A 16 25.30 -7.75 -4.79
C GLY A 16 24.50 -9.04 -4.47
N ASP A 17 24.11 -9.12 -3.19
CA ASP A 17 23.37 -10.26 -2.70
C ASP A 17 21.97 -10.32 -3.33
N ARG A 18 21.56 -11.57 -3.41
CA ARG A 18 20.25 -12.02 -3.91
C ARG A 18 19.25 -12.02 -2.76
N VAL A 19 18.01 -11.61 -3.02
CA VAL A 19 17.00 -11.58 -1.94
C VAL A 19 15.66 -12.15 -2.42
N THR A 20 15.20 -13.04 -1.56
CA THR A 20 13.95 -13.78 -1.64
C THR A 20 13.17 -13.52 -0.33
N ILE A 21 11.95 -13.11 -0.53
CA ILE A 21 10.90 -12.77 0.41
C ILE A 21 9.69 -13.55 -0.11
N THR A 22 8.89 -14.09 0.78
CA THR A 22 7.71 -14.84 0.30
C THR A 22 6.43 -14.31 0.94
N CYS A 23 5.33 -14.64 0.26
CA CYS A 23 4.01 -14.32 0.79
C CYS A 23 3.10 -15.53 0.69
N ARG A 24 2.66 -15.94 1.88
CA ARG A 24 1.75 -17.11 1.91
C ARG A 24 0.39 -16.50 2.18
N ALA A 25 -0.57 -16.90 1.40
CA ALA A 25 -1.97 -16.49 1.39
C ALA A 25 -2.76 -17.38 2.33
N SER A 26 -3.77 -16.85 3.01
CA SER A 26 -4.55 -17.71 3.93
C SER A 26 -5.55 -18.51 3.10
N GLN A 27 -5.37 -18.49 1.78
CA GLN A 27 -6.27 -19.23 0.88
C GLN A 27 -5.87 -19.14 -0.58
N ASP A 28 -6.61 -19.82 -1.46
CA ASP A 28 -6.25 -19.83 -2.87
C ASP A 28 -6.56 -18.49 -3.55
N ILE A 29 -5.54 -17.76 -3.97
CA ILE A 29 -5.75 -16.48 -4.67
C ILE A 29 -5.25 -16.52 -6.13
N THR A 30 -5.02 -17.76 -6.60
CA THR A 30 -4.54 -17.97 -7.98
C THR A 30 -3.24 -17.20 -8.10
N ASN A 31 -3.25 -16.22 -8.98
CA ASN A 31 -2.03 -15.38 -9.16
C ASN A 31 -2.30 -13.89 -8.88
N TYR A 32 -3.32 -13.47 -8.15
CA TYR A 32 -3.56 -12.05 -7.90
C TYR A 32 -2.78 -11.51 -6.70
N VAL A 33 -1.53 -11.24 -6.92
CA VAL A 33 -0.60 -10.72 -5.93
C VAL A 33 0.15 -9.57 -6.55
N ASN A 34 0.18 -8.47 -5.87
CA ASN A 34 0.88 -7.23 -6.25
C ASN A 34 2.18 -7.26 -5.43
N TRP A 35 3.25 -6.77 -5.94
CA TRP A 35 4.46 -6.69 -5.04
C TRP A 35 4.77 -5.20 -5.03
N PHE A 36 4.94 -4.56 -3.90
CA PHE A 36 5.21 -3.10 -3.92
C PHE A 36 6.57 -2.82 -3.28
N GLN A 37 7.06 -1.69 -3.72
CA GLN A 37 8.32 -1.15 -3.19
C GLN A 37 7.81 0.16 -2.59
N GLN A 38 8.09 0.32 -1.35
CA GLN A 38 7.79 1.50 -0.57
C GLN A 38 9.15 2.08 -0.10
N ARG A 39 9.48 3.21 -0.71
CA ARG A 39 10.77 3.87 -0.30
C ARG A 39 10.46 4.67 0.95
N PRO A 40 11.49 4.97 1.67
CA PRO A 40 11.35 5.79 2.90
C PRO A 40 10.84 7.18 2.53
N GLY A 41 9.66 7.48 3.04
CA GLY A 41 8.94 8.73 2.84
C GLY A 41 8.19 8.81 1.53
N GLN A 42 8.02 7.70 0.84
CA GLN A 42 7.29 7.75 -0.45
C GLN A 42 6.16 6.73 -0.32
N ALA A 43 5.32 6.72 -1.33
CA ALA A 43 4.18 5.83 -1.44
C ALA A 43 4.60 4.48 -2.04
N PRO A 44 3.77 3.48 -1.80
CA PRO A 44 4.08 2.14 -2.36
C PRO A 44 4.05 2.27 -3.87
N LYS A 45 5.00 1.67 -4.55
CA LYS A 45 5.16 1.60 -6.00
C LYS A 45 4.98 0.13 -6.41
N VAL A 46 4.17 -0.11 -7.41
CA VAL A 46 3.91 -1.42 -8.01
C VAL A 46 5.21 -1.86 -8.71
N LEU A 47 5.74 -2.99 -8.39
CA LEU A 47 6.92 -3.58 -9.00
C LEU A 47 6.35 -4.77 -9.85
N ILE A 48 5.64 -5.70 -9.23
CA ILE A 48 5.04 -6.81 -9.89
C ILE A 48 3.56 -6.93 -9.58
N TYR A 49 2.82 -7.31 -10.59
CA TYR A 49 1.37 -7.57 -10.48
C TYR A 49 1.13 -8.95 -11.11
N GLY A 50 -0.07 -9.47 -11.04
CA GLY A 50 -0.33 -10.82 -11.60
C GLY A 50 0.70 -11.82 -11.15
N ALA A 51 1.27 -11.71 -9.99
CA ALA A 51 2.22 -12.51 -9.25
C ALA A 51 3.61 -12.52 -9.80
N SER A 52 3.68 -12.44 -11.13
CA SER A 52 4.94 -12.50 -11.87
C SER A 52 5.18 -11.50 -12.97
N ILE A 53 4.19 -10.69 -13.29
CA ILE A 53 4.35 -9.72 -14.36
C ILE A 53 5.03 -8.45 -13.87
N LEU A 54 6.17 -8.14 -14.50
CA LEU A 54 6.96 -6.93 -14.22
C LEU A 54 6.24 -5.71 -14.83
N GLU A 55 6.36 -4.67 -14.05
CA GLU A 55 5.75 -3.38 -14.37
C GLU A 55 6.66 -2.63 -15.34
N THR A 56 5.99 -1.77 -16.09
CA THR A 56 6.72 -0.96 -17.06
C THR A 56 7.75 -0.12 -16.33
N GLY A 57 8.95 -0.27 -16.85
CA GLY A 57 10.15 0.38 -16.46
C GLY A 57 10.81 -0.14 -15.22
N VAL A 58 10.39 -1.31 -14.77
CA VAL A 58 10.95 -1.92 -13.54
C VAL A 58 12.16 -2.76 -13.92
N PRO A 59 13.23 -2.59 -13.14
CA PRO A 59 14.50 -3.32 -13.32
C PRO A 59 14.19 -4.80 -13.26
N SER A 60 14.95 -5.50 -14.09
CA SER A 60 14.76 -6.93 -14.28
C SER A 60 15.41 -7.76 -13.18
N ARG A 61 16.10 -7.13 -12.25
CA ARG A 61 16.70 -7.93 -11.15
C ARG A 61 15.58 -8.35 -10.19
N PHE A 62 14.39 -7.82 -10.38
CA PHE A 62 13.16 -8.03 -9.68
C PHE A 62 12.32 -9.06 -10.42
N SER A 63 11.97 -10.11 -9.75
CA SER A 63 11.12 -11.15 -10.33
C SER A 63 10.09 -11.67 -9.32
N GLY A 64 8.98 -12.10 -9.89
CA GLY A 64 7.92 -12.67 -9.06
C GLY A 64 7.47 -14.03 -9.52
N SER A 65 7.25 -14.91 -8.55
CA SER A 65 6.71 -16.25 -8.90
C SER A 65 5.78 -16.65 -7.75
N GLY A 66 5.01 -17.65 -8.08
CA GLY A 66 4.03 -18.31 -7.20
C GLY A 66 2.68 -18.27 -7.93
N SER A 67 1.81 -19.13 -7.48
CA SER A 67 0.41 -19.32 -7.98
C SER A 67 -0.26 -20.02 -6.80
N GLY A 68 -1.52 -19.80 -6.55
CA GLY A 68 -2.18 -20.45 -5.41
C GLY A 68 -2.13 -19.68 -4.12
N THR A 69 -1.23 -20.11 -3.25
CA THR A 69 -1.14 -19.47 -1.93
C THR A 69 0.26 -18.98 -1.61
N ASP A 70 1.28 -19.58 -2.18
CA ASP A 70 2.70 -19.30 -1.91
C ASP A 70 3.30 -18.39 -2.97
N PHE A 71 3.98 -17.32 -2.63
CA PHE A 71 4.50 -16.44 -3.71
C PHE A 71 5.88 -16.03 -3.29
N THR A 72 6.70 -15.82 -4.28
CA THR A 72 8.09 -15.44 -3.99
C THR A 72 8.37 -14.17 -4.79
N PHE A 73 9.20 -13.38 -4.14
CA PHE A 73 9.68 -12.14 -4.76
C PHE A 73 11.21 -12.14 -4.71
N THR A 74 11.84 -11.96 -5.89
CA THR A 74 13.30 -11.95 -5.90
C THR A 74 13.96 -10.73 -6.53
N ILE A 75 15.00 -10.28 -5.83
CA ILE A 75 15.91 -9.19 -6.20
C ILE A 75 17.21 -9.99 -6.48
N SER A 76 17.66 -9.95 -7.70
CA SER A 76 18.84 -10.73 -8.12
C SER A 76 20.12 -10.24 -7.54
N SER A 77 20.23 -8.93 -7.47
CA SER A 77 21.47 -8.36 -6.84
C SER A 77 21.03 -7.07 -6.15
N LEU A 78 20.94 -7.12 -4.83
CA LEU A 78 20.51 -5.95 -4.07
C LEU A 78 21.34 -4.74 -4.49
N GLN A 79 20.64 -3.73 -4.95
CA GLN A 79 21.28 -2.43 -5.31
C GLN A 79 21.24 -1.51 -4.08
N PRO A 80 22.15 -0.54 -4.10
CA PRO A 80 22.21 0.46 -3.01
C PRO A 80 20.86 1.15 -2.81
N GLU A 81 20.10 1.32 -3.87
CA GLU A 81 18.83 1.90 -4.10
C GLU A 81 17.56 1.05 -3.96
N ASP A 82 17.73 -0.22 -3.61
CA ASP A 82 16.63 -1.17 -3.43
C ASP A 82 16.21 -1.02 -1.96
N ILE A 83 17.00 -0.33 -1.16
CA ILE A 83 16.61 -0.18 0.24
C ILE A 83 15.24 0.47 0.30
N ALA A 84 14.33 -0.28 0.88
CA ALA A 84 12.91 0.10 1.03
C ALA A 84 12.22 -1.03 1.77
N THR A 85 10.94 -0.93 1.87
CA THR A 85 10.11 -1.99 2.53
C THR A 85 9.31 -2.56 1.34
N TYR A 86 9.30 -3.86 1.14
CA TYR A 86 8.52 -4.48 0.03
C TYR A 86 7.28 -5.11 0.66
N TYR A 87 6.21 -5.10 -0.10
CA TYR A 87 4.95 -5.61 0.37
C TYR A 87 4.21 -6.37 -0.71
N CYS A 88 3.54 -7.38 -0.21
CA CYS A 88 2.65 -8.13 -1.13
C CYS A 88 1.22 -7.70 -0.70
N GLN A 89 0.37 -7.71 -1.70
CA GLN A 89 -1.01 -7.37 -1.54
C GLN A 89 -1.81 -8.33 -2.40
N GLN A 90 -2.86 -8.91 -1.88
CA GLN A 90 -3.74 -9.82 -2.65
C GLN A 90 -4.82 -9.01 -3.34
N TYR A 91 -5.22 -9.35 -4.58
CA TYR A 91 -6.29 -8.59 -5.19
C TYR A 91 -7.35 -9.60 -5.60
N ASP A 92 -7.39 -10.71 -4.90
CA ASP A 92 -8.46 -11.68 -5.24
C ASP A 92 -9.87 -11.36 -4.69
N THR A 93 -9.88 -11.22 -3.36
CA THR A 93 -11.02 -10.95 -2.52
C THR A 93 -10.92 -9.65 -1.72
N LEU A 94 -12.02 -8.97 -1.70
CA LEU A 94 -12.26 -7.70 -1.04
C LEU A 94 -12.30 -7.96 0.49
N PRO A 95 -11.73 -7.08 1.30
CA PRO A 95 -10.99 -5.86 0.88
C PRO A 95 -9.54 -6.31 0.58
N LEU A 96 -8.83 -5.56 -0.27
CA LEU A 96 -7.44 -5.99 -0.64
C LEU A 96 -6.60 -5.92 0.59
N THR A 97 -5.79 -6.89 0.87
CA THR A 97 -4.97 -6.93 2.09
C THR A 97 -3.51 -7.04 1.78
N PHE A 98 -2.68 -6.51 2.65
CA PHE A 98 -1.23 -6.51 2.50
C PHE A 98 -0.60 -7.50 3.50
N GLY A 99 0.60 -7.90 3.15
CA GLY A 99 1.37 -8.74 4.13
C GLY A 99 2.05 -7.66 5.00
N GLY A 100 2.76 -8.06 6.00
CA GLY A 100 3.45 -7.18 6.92
C GLY A 100 4.61 -6.35 6.46
N GLY A 101 5.08 -6.61 5.28
CA GLY A 101 6.21 -5.95 4.62
C GLY A 101 7.53 -6.52 5.10
N THR A 102 8.53 -6.30 4.26
CA THR A 102 9.91 -6.72 4.56
C THR A 102 10.85 -5.53 4.41
N LYS A 103 11.50 -5.17 5.47
CA LYS A 103 12.42 -4.05 5.51
C LYS A 103 13.84 -4.49 5.17
N VAL A 104 14.17 -4.40 3.90
CA VAL A 104 15.45 -4.76 3.28
C VAL A 104 16.50 -3.68 3.52
N ASP A 105 17.55 -4.03 4.24
CA ASP A 105 18.60 -3.05 4.48
C ASP A 105 19.97 -3.49 3.98
N ILE A 106 20.83 -2.50 3.80
CA ILE A 106 22.22 -2.68 3.34
C ILE A 106 23.22 -2.55 4.49
N LYS A 107 24.16 -3.48 4.48
CA LYS A 107 25.20 -3.52 5.53
C LYS A 107 26.49 -2.85 5.10
N ARG A 108 27.42 -2.62 6.04
CA ARG A 108 28.69 -1.92 5.76
C ARG A 108 29.98 -2.64 6.12
N ASP B 1 -0.93 4.92 -16.22
CA ASP B 1 -2.00 3.86 -16.08
C ASP B 1 -3.13 4.75 -15.54
N ILE B 2 -3.48 4.54 -14.29
CA ILE B 2 -4.43 5.38 -13.57
C ILE B 2 -3.49 6.01 -12.52
N GLN B 3 -3.53 7.31 -12.56
CA GLN B 3 -2.74 8.18 -11.69
C GLN B 3 -3.69 8.71 -10.60
N MET B 4 -3.28 8.55 -9.36
CA MET B 4 -4.07 9.04 -8.20
C MET B 4 -3.29 10.23 -7.62
N THR B 5 -3.90 11.40 -7.68
CA THR B 5 -3.19 12.60 -7.16
C THR B 5 -3.80 12.90 -5.82
N GLN B 6 -2.99 12.91 -4.82
CA GLN B 6 -3.48 13.09 -3.44
C GLN B 6 -2.96 14.37 -2.86
N SER B 7 -3.83 15.09 -2.18
CA SER B 7 -3.47 16.38 -1.53
C SER B 7 -4.20 16.54 -0.20
N PRO B 8 -3.58 17.18 0.78
CA PRO B 8 -2.24 17.74 0.73
C PRO B 8 -1.27 16.58 0.81
N SER B 9 0.00 16.79 0.75
CA SER B 9 0.97 15.74 0.94
C SER B 9 1.32 15.70 2.41
N SER B 10 1.10 16.74 3.19
CA SER B 10 1.39 16.78 4.59
C SER B 10 0.36 17.73 5.26
N LEU B 11 0.09 17.46 6.51
CA LEU B 11 -0.77 18.39 7.27
C LEU B 11 -0.50 18.19 8.76
N SER B 12 -0.58 19.33 9.48
CA SER B 12 -0.45 19.17 10.96
C SER B 12 -1.71 19.85 11.44
N ALA B 13 -2.37 19.27 12.42
CA ALA B 13 -3.63 19.82 12.97
C ALA B 13 -3.64 19.50 14.45
N SER B 14 -4.73 19.82 15.08
CA SER B 14 -4.89 19.61 16.53
C SER B 14 -5.96 18.59 16.84
N VAL B 15 -6.01 17.99 18.02
CA VAL B 15 -7.08 17.01 18.31
C VAL B 15 -8.44 17.67 18.21
N GLY B 16 -9.52 17.08 17.73
CA GLY B 16 -10.84 17.61 17.54
C GLY B 16 -11.05 18.33 16.25
N ASP B 17 -10.01 18.47 15.41
CA ASP B 17 -10.13 19.19 14.12
C ASP B 17 -10.75 18.26 13.08
N ARG B 18 -11.30 18.84 12.06
CA ARG B 18 -11.81 18.03 10.94
C ARG B 18 -10.60 18.04 9.96
N VAL B 19 -10.33 16.89 9.38
CA VAL B 19 -9.25 16.68 8.40
C VAL B 19 -9.87 16.15 7.11
N THR B 20 -9.65 16.79 5.98
CA THR B 20 -10.15 16.40 4.66
C THR B 20 -8.92 16.18 3.72
N ILE B 21 -8.92 14.96 3.16
CA ILE B 21 -7.88 14.49 2.24
C ILE B 21 -8.51 14.19 0.91
N THR B 22 -7.95 14.54 -0.22
CA THR B 22 -8.66 14.20 -1.49
C THR B 22 -7.77 13.34 -2.36
N CYS B 23 -8.44 12.63 -3.28
CA CYS B 23 -7.78 11.85 -4.29
C CYS B 23 -8.48 12.09 -5.63
N ARG B 24 -7.73 12.39 -6.65
CA ARG B 24 -8.25 12.60 -8.00
C ARG B 24 -7.54 11.52 -8.86
N ALA B 25 -8.44 10.82 -9.51
CA ALA B 25 -8.12 9.74 -10.41
C ALA B 25 -8.14 10.35 -11.84
N SER B 26 -7.16 9.84 -12.56
CA SER B 26 -6.82 10.13 -13.93
C SER B 26 -8.01 9.83 -14.83
N GLN B 27 -8.83 8.90 -14.40
CA GLN B 27 -9.99 8.51 -15.24
C GLN B 27 -11.08 7.96 -14.35
N ASP B 28 -12.23 7.67 -14.92
CA ASP B 28 -13.36 7.16 -14.14
C ASP B 28 -13.01 5.86 -13.42
N ILE B 29 -12.98 5.83 -12.08
CA ILE B 29 -12.68 4.55 -11.39
C ILE B 29 -13.92 4.11 -10.63
N THR B 30 -15.01 4.75 -10.95
CA THR B 30 -16.28 4.44 -10.28
C THR B 30 -16.15 4.71 -8.79
N ASN B 31 -16.08 3.63 -8.03
CA ASN B 31 -15.95 3.70 -6.55
C ASN B 31 -15.00 2.63 -6.04
N TYR B 32 -14.01 2.34 -6.88
CA TYR B 32 -12.95 1.39 -6.64
C TYR B 32 -11.73 2.04 -6.01
N VAL B 33 -12.00 2.53 -4.80
CA VAL B 33 -10.98 3.19 -3.97
C VAL B 33 -10.95 2.66 -2.51
N ASN B 34 -9.70 2.39 -2.14
CA ASN B 34 -9.28 1.98 -0.83
C ASN B 34 -8.58 3.21 -0.16
N TRP B 35 -8.89 3.30 1.11
CA TRP B 35 -8.24 4.35 1.92
C TRP B 35 -7.49 3.53 2.97
N PHE B 36 -6.21 3.62 3.13
CA PHE B 36 -5.34 3.00 4.04
C PHE B 36 -4.69 3.98 5.01
N GLN B 37 -4.45 3.44 6.16
CA GLN B 37 -3.77 4.11 7.26
C GLN B 37 -2.46 3.38 7.45
N GLN B 38 -1.37 4.07 7.52
CA GLN B 38 -0.07 3.44 7.74
C GLN B 38 0.71 4.11 8.85
N ARG B 39 0.76 3.43 9.99
CA ARG B 39 1.54 3.99 11.12
C ARG B 39 2.96 3.66 10.73
N PRO B 40 3.92 4.39 11.22
CA PRO B 40 5.33 4.16 10.90
C PRO B 40 5.74 2.75 11.26
N GLY B 41 6.44 2.16 10.32
CA GLY B 41 6.97 0.81 10.39
C GLY B 41 5.88 -0.21 10.14
N GLN B 42 4.66 0.27 9.99
CA GLN B 42 3.56 -0.70 9.77
C GLN B 42 3.22 -0.75 8.32
N ALA B 43 2.40 -1.74 8.07
CA ALA B 43 1.87 -2.03 6.77
C ALA B 43 0.54 -1.26 6.69
N PRO B 44 0.26 -0.80 5.49
CA PRO B 44 -0.96 -0.07 5.21
C PRO B 44 -2.10 -0.93 5.76
N LYS B 45 -3.06 -0.38 6.41
CA LYS B 45 -4.23 -0.99 6.99
C LYS B 45 -5.48 -0.42 6.36
N VAL B 46 -6.31 -1.21 5.75
CA VAL B 46 -7.54 -0.88 5.10
C VAL B 46 -8.51 -0.17 6.05
N LEU B 47 -8.89 1.04 5.76
CA LEU B 47 -9.87 1.75 6.60
C LEU B 47 -11.24 1.69 5.90
N ILE B 48 -11.22 2.10 4.64
CA ILE B 48 -12.35 2.22 3.77
C ILE B 48 -11.99 1.50 2.45
N TYR B 49 -12.93 0.79 1.90
CA TYR B 49 -12.93 0.07 0.66
C TYR B 49 -14.25 0.41 -0.06
N GLY B 50 -14.35 0.27 -1.39
CA GLY B 50 -15.57 0.57 -2.12
C GLY B 50 -15.83 2.06 -1.99
N ALA B 51 -14.81 2.82 -1.78
CA ALA B 51 -14.77 4.24 -1.66
C ALA B 51 -15.43 4.81 -0.42
N SER B 52 -16.46 4.14 0.03
CA SER B 52 -17.14 4.64 1.21
C SER B 52 -17.50 3.66 2.30
N ILE B 53 -17.09 2.42 2.17
CA ILE B 53 -17.37 1.34 3.13
C ILE B 53 -16.30 1.22 4.18
N LEU B 54 -16.76 1.45 5.42
CA LEU B 54 -15.82 1.39 6.57
C LEU B 54 -15.59 -0.07 6.92
N GLU B 55 -14.37 -0.45 7.07
CA GLU B 55 -13.90 -1.74 7.47
C GLU B 55 -14.33 -1.92 8.96
N THR B 56 -14.80 -3.10 9.23
CA THR B 56 -15.27 -3.60 10.52
C THR B 56 -14.20 -3.26 11.55
N GLY B 57 -14.66 -2.61 12.61
CA GLY B 57 -13.79 -2.21 13.70
C GLY B 57 -13.00 -0.93 13.45
N VAL B 58 -13.40 -0.13 12.49
CA VAL B 58 -12.70 1.16 12.21
C VAL B 58 -13.61 2.25 12.81
N PRO B 59 -13.02 3.14 13.57
CA PRO B 59 -13.78 4.18 14.28
C PRO B 59 -14.75 4.88 13.36
N SER B 60 -15.93 5.29 13.78
CA SER B 60 -16.82 5.95 12.81
C SER B 60 -16.36 7.38 12.50
N ARG B 61 -15.26 7.78 13.11
CA ARG B 61 -14.78 9.16 12.82
C ARG B 61 -14.17 9.24 11.41
N PHE B 62 -13.78 8.13 10.85
CA PHE B 62 -13.25 8.02 9.49
C PHE B 62 -14.40 7.79 8.50
N SER B 63 -14.40 8.57 7.42
CA SER B 63 -15.45 8.39 6.39
C SER B 63 -14.87 8.71 5.04
N GLY B 64 -15.47 8.21 4.02
CA GLY B 64 -15.00 8.45 2.65
C GLY B 64 -16.21 8.64 1.75
N SER B 65 -15.95 9.32 0.65
CA SER B 65 -16.98 9.58 -0.34
C SER B 65 -16.34 9.88 -1.69
N GLY B 66 -17.27 10.12 -2.56
CA GLY B 66 -17.01 10.48 -3.95
C GLY B 66 -17.16 9.24 -4.80
N SER B 67 -17.14 9.45 -6.08
CA SER B 67 -17.25 8.50 -7.18
C SER B 67 -16.66 9.11 -8.44
N GLY B 68 -16.21 8.25 -9.35
CA GLY B 68 -15.70 8.83 -10.62
C GLY B 68 -14.23 9.12 -10.52
N THR B 69 -13.90 10.37 -10.40
CA THR B 69 -12.51 10.83 -10.37
C THR B 69 -12.11 11.60 -9.13
N ASP B 70 -13.04 11.99 -8.30
CA ASP B 70 -12.81 12.79 -7.08
C ASP B 70 -13.24 12.05 -5.82
N PHE B 71 -12.34 11.70 -4.96
CA PHE B 71 -12.65 11.00 -3.70
C PHE B 71 -12.09 11.83 -2.54
N THR B 72 -12.81 11.81 -1.48
CA THR B 72 -12.55 12.51 -0.22
C THR B 72 -12.49 11.54 0.96
N PHE B 73 -11.52 11.71 1.79
CA PHE B 73 -11.32 10.94 3.05
C PHE B 73 -11.46 12.04 4.16
N THR B 74 -12.38 11.85 5.08
CA THR B 74 -12.53 12.85 6.15
C THR B 74 -12.24 12.27 7.53
N ILE B 75 -11.51 12.92 8.39
CA ILE B 75 -11.31 12.44 9.78
C ILE B 75 -12.18 13.48 10.52
N SER B 76 -13.32 13.13 10.98
CA SER B 76 -14.29 13.97 11.64
C SER B 76 -13.83 14.87 12.77
N SER B 77 -12.99 14.22 13.57
CA SER B 77 -12.43 14.76 14.81
C SER B 77 -11.16 13.95 15.11
N LEU B 78 -10.06 14.59 14.73
CA LEU B 78 -8.71 14.03 14.85
C LEU B 78 -8.50 13.62 16.31
N GLN B 79 -7.94 12.46 16.48
CA GLN B 79 -7.67 11.92 17.82
C GLN B 79 -6.18 11.61 17.80
N PRO B 80 -5.59 11.69 18.98
CA PRO B 80 -4.16 11.49 19.17
C PRO B 80 -3.60 10.23 18.57
N GLU B 81 -4.45 9.21 18.40
CA GLU B 81 -4.07 7.94 17.83
C GLU B 81 -3.91 8.03 16.30
N ASP B 82 -4.54 9.02 15.69
CA ASP B 82 -4.51 9.12 14.22
C ASP B 82 -3.22 9.54 13.57
N ILE B 83 -2.14 9.76 14.27
CA ILE B 83 -0.85 10.12 13.66
C ILE B 83 -0.51 8.99 12.69
N ALA B 84 -0.23 9.29 11.47
CA ALA B 84 0.09 8.36 10.41
C ALA B 84 0.02 9.01 9.04
N THR B 85 0.29 8.21 8.05
CA THR B 85 0.22 8.55 6.65
C THR B 85 -1.02 7.84 6.10
N TYR B 86 -1.89 8.55 5.45
CA TYR B 86 -3.08 8.05 4.80
C TYR B 86 -2.88 7.94 3.31
N TYR B 87 -3.42 6.87 2.70
CA TYR B 87 -3.29 6.65 1.26
C TYR B 87 -4.57 6.19 0.59
N CYS B 88 -4.69 6.59 -0.66
CA CYS B 88 -5.86 6.13 -1.45
C CYS B 88 -5.12 5.21 -2.47
N GLN B 89 -5.86 4.23 -2.83
CA GLN B 89 -5.49 3.24 -3.80
C GLN B 89 -6.69 2.94 -4.71
N GLN B 90 -6.45 2.95 -6.03
CA GLN B 90 -7.54 2.62 -6.97
C GLN B 90 -7.35 1.12 -7.25
N TYR B 91 -8.42 0.37 -7.32
CA TYR B 91 -8.33 -1.07 -7.60
C TYR B 91 -9.27 -1.35 -8.78
N ASP B 92 -9.38 -0.41 -9.69
CA ASP B 92 -10.22 -0.50 -10.89
C ASP B 92 -9.48 -1.21 -12.01
N THR B 93 -8.31 -0.72 -12.38
CA THR B 93 -7.44 -1.25 -13.43
C THR B 93 -6.04 -1.50 -12.94
N LEU B 94 -5.44 -2.63 -13.21
CA LEU B 94 -4.04 -2.90 -12.82
C LEU B 94 -3.17 -1.92 -13.62
N PRO B 95 -2.03 -1.50 -13.11
CA PRO B 95 -1.57 -1.87 -11.75
C PRO B 95 -2.46 -1.06 -10.79
N LEU B 96 -2.63 -1.59 -9.60
CA LEU B 96 -3.51 -0.86 -8.59
C LEU B 96 -2.65 0.18 -7.88
N THR B 97 -2.67 1.37 -8.49
CA THR B 97 -1.95 2.55 -8.05
C THR B 97 -2.55 3.25 -6.83
N PHE B 98 -1.60 3.80 -6.09
CA PHE B 98 -1.66 4.50 -4.84
C PHE B 98 -1.51 6.00 -5.05
N GLY B 99 -2.20 6.78 -4.23
CA GLY B 99 -1.92 8.25 -4.36
C GLY B 99 -0.61 8.36 -3.55
N GLY B 100 -0.05 9.55 -3.51
CA GLY B 100 1.17 9.98 -2.88
C GLY B 100 1.20 10.00 -1.39
N GLY B 101 0.06 9.87 -0.68
CA GLY B 101 0.11 9.81 0.81
C GLY B 101 -0.08 11.16 1.40
N THR B 102 -0.57 11.27 2.60
CA THR B 102 -0.77 12.51 3.33
C THR B 102 -0.21 12.17 4.73
N LYS B 103 0.86 12.78 5.09
CA LYS B 103 1.45 12.60 6.41
C LYS B 103 0.70 13.50 7.39
N VAL B 104 -0.05 12.97 8.35
CA VAL B 104 -0.87 13.69 9.34
C VAL B 104 -0.05 13.77 10.62
N ASP B 105 0.19 14.96 11.11
CA ASP B 105 0.92 15.21 12.35
C ASP B 105 -0.06 15.95 13.30
N ILE B 106 0.12 15.71 14.59
CA ILE B 106 -0.79 16.35 15.58
C ILE B 106 0.04 17.20 16.49
N LYS B 107 -0.26 18.49 16.46
CA LYS B 107 0.40 19.51 17.27
C LYS B 107 0.04 19.41 18.75
N ARG B 108 0.97 19.78 19.63
CA ARG B 108 0.58 19.72 21.08
C ARG B 108 -0.28 21.00 21.25
#